data_1CPO
#
_entry.id   1CPO
#
_cell.length_a   58.774
_cell.length_b   71.363
_cell.length_c   91.729
_cell.angle_alpha   90.00
_cell.angle_beta   90.00
_cell.angle_gamma   90.00
#
_symmetry.space_group_name_H-M   'P 21 21 21'
#
loop_
_entity.id
_entity.type
_entity.pdbx_description
1 polymer CHLOROPEROXIDASE
2 branched alpha-D-mannopyranose-(1-3)-alpha-D-xylopyranose-(1-6)-[alpha-D-xylopyranose-(1-3)]beta-D-mannopyranose-(1-4)-2-acetamido-2-deoxy-beta-D-glucopyranose-(1-4)-2-acetamido-2-deoxy-beta-D-glucopyranose
3 branched 2-acetamido-2-deoxy-beta-D-glucopyranose-(1-4)-2-acetamido-2-deoxy-beta-D-glucopyranose
4 branched beta-L-arabinopyranose-(1-2)-alpha-D-mannopyranose
5 non-polymer 2-acetamido-2-deoxy-beta-D-glucopyranose
6 non-polymer alpha-D-mannopyranose
7 non-polymer alpha-D-xylopyranose
8 non-polymer 'MANGANESE (II) ION'
9 non-polymer 'PROTOPORPHYRIN IX CONTAINING FE'
10 water water
#
_entity_poly.entity_id   1
_entity_poly.type   'polypeptide(L)'
_entity_poly.pdbx_seq_one_letter_code
;(PCA)EPGSGIGYPYDNNTLPYVAPGPTDSRAPCPALNALANHGYIPHDGRAISRETLQNAFLNHMGIANSVIELALTNA
FVVCEYVTGSDCGDSLVNLTLLAEPHAFEHDHSFSRKDYKQGVANSNDFIDNRNFDAETFQTSLDVVAGKTHFDYADMNE
IRLQRESLSNELDFPGWFTESKPIQNVESGFIFALVSDFNLPDNDENPLVRIDWWKYWFTNESFPYHLGWHPPSPAREIE
FVTSASSAVLAASVTSTPSSLPSGAIGPGAEAVPLSFASTMTPFLLATNAPYYAQDPTLGPND
;
_entity_poly.pdbx_strand_id   A
#
loop_
_chem_comp.id
_chem_comp.type
_chem_comp.name
_chem_comp.formula
ARB L-saccharide, beta linking beta-L-arabinopyranose 'C5 H10 O5'
BMA D-saccharide, beta linking beta-D-mannopyranose 'C6 H12 O6'
HEM non-polymer 'PROTOPORPHYRIN IX CONTAINING FE' 'C34 H32 Fe N4 O4'
MAN D-saccharide, alpha linking alpha-D-mannopyranose 'C6 H12 O6'
MN non-polymer 'MANGANESE (II) ION' 'Mn 2'
NAG D-saccharide, beta linking 2-acetamido-2-deoxy-beta-D-glucopyranose 'C8 H15 N O6'
XYS D-saccharide, alpha linking alpha-D-xylopyranose 'C5 H10 O5'
#
# COMPACT_ATOMS: atom_id res chain seq x y z
N PCA A 1 18.25 -9.55 -1.32
CA PCA A 1 19.38 -10.09 -2.09
CB PCA A 1 20.26 -8.89 -2.45
CG PCA A 1 19.22 -7.78 -2.48
CD PCA A 1 18.30 -8.09 -1.29
OE PCA A 1 17.27 -7.43 -1.11
C PCA A 1 20.17 -11.10 -1.25
O PCA A 1 20.12 -11.09 -0.03
N GLU A 2 20.85 -12.00 -1.95
CA GLU A 2 21.66 -13.04 -1.32
C GLU A 2 22.93 -12.46 -0.69
N PRO A 3 23.43 -13.09 0.39
CA PRO A 3 24.65 -12.61 1.05
C PRO A 3 25.82 -12.80 0.08
N GLY A 4 26.66 -11.78 -0.03
CA GLY A 4 27.78 -11.85 -0.92
C GLY A 4 27.46 -11.33 -2.31
N SER A 5 26.30 -10.70 -2.47
CA SER A 5 25.92 -10.15 -3.77
C SER A 5 26.37 -8.70 -3.82
N GLY A 6 26.50 -8.09 -2.64
CA GLY A 6 26.91 -6.70 -2.54
C GLY A 6 25.73 -5.75 -2.52
N ILE A 7 24.57 -6.22 -2.98
CA ILE A 7 23.39 -5.38 -3.02
C ILE A 7 22.87 -5.04 -1.61
N GLY A 8 22.74 -3.75 -1.33
CA GLY A 8 22.23 -3.34 -0.03
C GLY A 8 23.22 -2.56 0.82
N TYR A 9 24.48 -2.96 0.78
CA TYR A 9 25.54 -2.32 1.55
C TYR A 9 25.78 -0.87 1.09
N PRO A 10 25.97 0.06 2.03
CA PRO A 10 26.00 -0.11 3.49
C PRO A 10 24.69 0.24 4.20
N TYR A 11 23.58 0.22 3.47
CA TYR A 11 22.29 0.57 4.04
C TYR A 11 21.62 -0.59 4.77
N ASP A 12 21.65 -1.76 4.15
CA ASP A 12 21.07 -2.95 4.76
C ASP A 12 22.14 -4.01 4.60
N ASN A 13 22.81 -4.33 5.70
CA ASN A 13 23.89 -5.31 5.70
C ASN A 13 23.44 -6.75 5.97
N ASN A 14 22.14 -6.94 6.20
CA ASN A 14 21.62 -8.27 6.47
C ASN A 14 20.42 -8.58 5.59
N THR A 15 20.65 -8.62 4.28
CA THR A 15 19.58 -8.89 3.34
C THR A 15 19.32 -10.39 3.14
N LEU A 16 18.09 -10.71 2.73
CA LEU A 16 17.70 -12.08 2.46
C LEU A 16 17.15 -12.06 1.03
N PRO A 17 17.29 -13.17 0.29
CA PRO A 17 16.80 -13.25 -1.09
C PRO A 17 15.30 -13.25 -1.29
N TYR A 18 14.89 -12.87 -2.50
CA TYR A 18 13.49 -12.86 -2.88
C TYR A 18 13.08 -14.30 -3.19
N VAL A 19 11.98 -14.71 -2.77
CA VAL A 19 11.35 -16.00 -2.98
C VAL A 19 9.86 -15.85 -3.30
N ALA A 20 9.47 -16.22 -4.51
CA ALA A 20 8.09 -16.05 -4.94
C ALA A 20 7.13 -16.78 -4.01
N PRO A 21 5.93 -16.19 -3.79
CA PRO A 21 4.95 -16.82 -2.92
C PRO A 21 4.30 -18.02 -3.59
N GLY A 22 4.00 -19.04 -2.81
CA GLY A 22 3.36 -20.22 -3.33
C GLY A 22 1.84 -20.07 -3.23
N PRO A 23 1.08 -20.95 -3.87
CA PRO A 23 -0.39 -20.91 -3.86
C PRO A 23 -1.03 -20.97 -2.47
N THR A 24 -0.33 -21.52 -1.50
CA THR A 24 -0.87 -21.62 -0.14
C THR A 24 -0.36 -20.53 0.80
N ASP A 25 0.50 -19.65 0.31
CA ASP A 25 1.02 -18.55 1.12
C ASP A 25 -0.04 -17.47 1.21
N SER A 26 -0.06 -16.76 2.33
CA SER A 26 -1.01 -15.68 2.57
C SER A 26 -0.35 -14.34 2.25
N ARG A 27 -0.97 -13.54 1.39
CA ARG A 27 -0.43 -12.23 1.05
C ARG A 27 -1.49 -11.18 1.33
N ALA A 28 -1.08 -9.92 1.42
CA ALA A 28 -1.97 -8.81 1.75
C ALA A 28 -2.24 -7.84 0.61
N PRO A 29 -3.17 -6.88 0.83
CA PRO A 29 -3.49 -5.87 -0.20
C PRO A 29 -2.52 -4.68 -0.06
N CYS A 30 -1.35 -4.96 0.52
CA CYS A 30 -0.35 -3.93 0.77
C CYS A 30 0.99 -4.29 0.14
N PRO A 31 1.51 -3.41 -0.74
CA PRO A 31 2.80 -3.62 -1.43
C PRO A 31 3.98 -3.75 -0.45
N ALA A 32 3.96 -3.00 0.66
CA ALA A 32 5.04 -3.06 1.64
C ALA A 32 5.10 -4.40 2.39
N LEU A 33 3.95 -4.84 2.92
CA LEU A 33 3.89 -6.11 3.64
C LEU A 33 4.27 -7.30 2.75
N ASN A 34 3.79 -7.31 1.51
CA ASN A 34 4.10 -8.38 0.58
C ASN A 34 5.59 -8.44 0.26
N ALA A 35 6.23 -7.29 0.11
CA ALA A 35 7.67 -7.26 -0.17
C ALA A 35 8.44 -7.81 1.01
N LEU A 36 8.00 -7.49 2.24
CA LEU A 36 8.69 -8.00 3.42
C LEU A 36 8.55 -9.52 3.52
N ALA A 37 7.34 -10.02 3.29
CA ALA A 37 7.06 -11.46 3.34
C ALA A 37 7.80 -12.24 2.25
N ASN A 38 7.93 -11.65 1.06
CA ASN A 38 8.63 -12.29 -0.06
C ASN A 38 10.11 -12.47 0.27
N HIS A 39 10.66 -11.59 1.12
CA HIS A 39 12.06 -11.68 1.51
C HIS A 39 12.29 -12.40 2.85
N GLY A 40 11.22 -12.86 3.47
CA GLY A 40 11.35 -13.55 4.74
C GLY A 40 11.60 -12.67 5.95
N TYR A 41 11.43 -11.35 5.81
CA TYR A 41 11.64 -10.43 6.93
C TYR A 41 10.52 -10.63 7.94
N ILE A 42 9.40 -11.10 7.44
CA ILE A 42 8.25 -11.47 8.24
C ILE A 42 7.98 -12.85 7.62
N PRO A 43 7.29 -13.75 8.33
CA PRO A 43 7.02 -15.09 7.79
C PRO A 43 6.71 -15.16 6.29
N HIS A 44 7.43 -16.03 5.58
CA HIS A 44 7.22 -16.20 4.15
C HIS A 44 5.80 -16.64 3.83
N ASP A 45 5.15 -17.34 4.75
CA ASP A 45 3.78 -17.81 4.51
C ASP A 45 2.72 -16.78 4.91
N GLY A 46 3.17 -15.65 5.45
CA GLY A 46 2.26 -14.59 5.86
C GLY A 46 1.30 -14.95 6.97
N ARG A 47 1.77 -15.76 7.92
CA ARG A 47 0.93 -16.19 9.03
C ARG A 47 1.59 -16.03 10.40
N ALA A 48 0.75 -15.80 11.41
CA ALA A 48 1.18 -15.65 12.82
C ALA A 48 2.29 -14.61 12.97
N ILE A 49 1.97 -13.35 12.71
CA ILE A 49 2.96 -12.29 12.79
C ILE A 49 2.69 -11.37 13.96
N SER A 50 3.74 -11.07 14.73
CA SER A 50 3.62 -10.21 15.91
C SER A 50 4.00 -8.76 15.59
N ARG A 51 3.58 -7.85 16.47
CA ARG A 51 3.87 -6.43 16.29
C ARG A 51 5.37 -6.17 16.26
N GLU A 52 6.10 -6.87 17.11
CA GLU A 52 7.55 -6.72 17.23
C GLU A 52 8.27 -7.13 15.94
N THR A 53 7.83 -8.22 15.33
CA THR A 53 8.43 -8.68 14.09
C THR A 53 8.20 -7.64 13.01
N LEU A 54 6.98 -7.11 12.95
CA LEU A 54 6.61 -6.09 11.98
C LEU A 54 7.47 -4.83 12.15
N GLN A 55 7.54 -4.32 13.38
CA GLN A 55 8.32 -3.12 13.70
C GLN A 55 9.78 -3.22 13.28
N ASN A 56 10.42 -4.35 13.57
CA ASN A 56 11.83 -4.54 13.23
C ASN A 56 12.08 -4.66 11.73
N ALA A 57 11.19 -5.37 11.04
CA ALA A 57 11.30 -5.56 9.58
C ALA A 57 11.23 -4.22 8.83
N PHE A 58 10.26 -3.38 9.20
CA PHE A 58 10.12 -2.07 8.56
C PHE A 58 11.29 -1.16 8.85
N LEU A 59 11.73 -1.14 10.10
CA LEU A 59 12.85 -0.29 10.48
C LEU A 59 14.18 -0.72 9.89
N ASN A 60 14.52 -2.00 10.03
CA ASN A 60 15.81 -2.51 9.54
C ASN A 60 15.96 -2.83 8.06
N HIS A 61 14.85 -2.97 7.35
CA HIS A 61 14.94 -3.31 5.94
C HIS A 61 14.25 -2.32 4.99
N MET A 62 13.48 -1.38 5.53
CA MET A 62 12.77 -0.39 4.71
C MET A 62 12.98 1.07 5.11
N GLY A 63 13.71 1.30 6.20
CA GLY A 63 13.96 2.66 6.65
C GLY A 63 12.69 3.35 7.15
N ILE A 64 11.77 2.56 7.70
CA ILE A 64 10.50 3.08 8.21
C ILE A 64 10.49 2.92 9.74
N ALA A 65 10.40 4.04 10.47
CA ALA A 65 10.38 4.01 11.94
C ALA A 65 9.05 3.55 12.52
N ASN A 66 9.07 3.15 13.78
CA ASN A 66 7.87 2.65 14.45
C ASN A 66 6.69 3.63 14.47
N SER A 67 6.99 4.92 14.63
CA SER A 67 5.93 5.93 14.67
C SER A 67 5.07 5.93 13.41
N VAL A 68 5.68 5.60 12.28
CA VAL A 68 4.98 5.56 11.00
C VAL A 68 3.87 4.52 10.97
N ILE A 69 4.13 3.37 11.58
CA ILE A 69 3.16 2.28 11.57
C ILE A 69 2.37 2.04 12.86
N GLU A 70 2.45 2.98 13.80
CA GLU A 70 1.74 2.86 15.07
C GLU A 70 0.25 2.63 14.88
N LEU A 71 -0.42 3.56 14.20
CA LEU A 71 -1.86 3.44 13.96
C LEU A 71 -2.18 2.24 13.07
N ALA A 72 -1.34 1.98 12.08
CA ALA A 72 -1.54 0.84 11.18
C ALA A 72 -1.61 -0.48 11.97
N LEU A 73 -0.74 -0.60 12.97
CA LEU A 73 -0.67 -1.79 13.83
C LEU A 73 -1.97 -1.96 14.59
N THR A 74 -2.45 -0.88 15.20
CA THR A 74 -3.70 -0.89 15.95
C THR A 74 -4.84 -1.32 15.03
N ASN A 75 -4.91 -0.74 13.83
CA ASN A 75 -5.96 -1.07 12.90
C ASN A 75 -5.89 -2.49 12.34
N ALA A 76 -4.68 -3.02 12.18
CA ALA A 76 -4.50 -4.37 11.69
C ALA A 76 -5.08 -5.37 12.70
N PHE A 77 -4.85 -5.13 13.99
CA PHE A 77 -5.36 -6.01 15.03
C PHE A 77 -6.85 -5.82 15.30
N VAL A 78 -7.37 -4.63 14.99
CA VAL A 78 -8.80 -4.37 15.15
C VAL A 78 -9.52 -5.21 14.09
N VAL A 79 -8.98 -5.20 12.88
CA VAL A 79 -9.56 -5.96 11.77
C VAL A 79 -9.43 -7.47 12.01
N CYS A 80 -8.34 -7.90 12.62
CA CYS A 80 -8.13 -9.31 12.93
C CYS A 80 -9.21 -9.81 13.89
N GLU A 81 -9.52 -9.02 14.91
CA GLU A 81 -10.53 -9.40 15.89
C GLU A 81 -11.90 -9.45 15.23
N TYR A 82 -12.16 -8.46 14.36
CA TYR A 82 -13.41 -8.35 13.61
C TYR A 82 -13.61 -9.56 12.71
N VAL A 83 -12.61 -9.90 11.92
CA VAL A 83 -12.71 -11.03 11.00
C VAL A 83 -12.74 -12.40 11.65
N THR A 84 -11.86 -12.66 12.61
CA THR A 84 -11.81 -13.96 13.27
C THR A 84 -12.86 -14.10 14.35
N GLY A 85 -13.42 -12.97 14.76
CA GLY A 85 -14.43 -12.97 15.79
C GLY A 85 -13.84 -13.23 17.15
N SER A 86 -12.62 -12.76 17.36
CA SER A 86 -11.96 -12.94 18.65
C SER A 86 -10.67 -12.17 18.71
N ASP A 87 -10.19 -11.94 19.94
CA ASP A 87 -8.96 -11.19 20.15
C ASP A 87 -7.76 -11.96 19.61
N CYS A 88 -6.97 -11.30 18.76
CA CYS A 88 -5.79 -11.93 18.17
C CYS A 88 -4.53 -11.74 19.03
N GLY A 89 -4.67 -10.99 20.11
CA GLY A 89 -3.56 -10.75 21.00
C GLY A 89 -2.38 -10.07 20.33
N ASP A 90 -1.28 -10.81 20.22
CA ASP A 90 -0.07 -10.29 19.58
C ASP A 90 0.36 -11.21 18.44
N SER A 91 -0.62 -11.81 17.76
CA SER A 91 -0.32 -12.68 16.64
C SER A 91 -1.36 -12.51 15.54
N LEU A 92 -1.01 -11.70 14.53
CA LEU A 92 -1.90 -11.46 13.39
C LEU A 92 -2.02 -12.81 12.70
N VAL A 93 -3.25 -13.32 12.65
CA VAL A 93 -3.54 -14.62 12.05
C VAL A 93 -2.89 -14.80 10.68
N ASN A 94 -3.17 -13.88 9.76
CA ASN A 94 -2.58 -13.94 8.43
C ASN A 94 -2.68 -12.57 7.77
N LEU A 95 -2.02 -12.42 6.63
CA LEU A 95 -2.03 -11.14 5.90
C LEU A 95 -3.29 -10.95 5.07
N THR A 96 -3.90 -12.04 4.65
CA THR A 96 -5.09 -11.99 3.81
C THR A 96 -6.31 -11.30 4.42
N LEU A 97 -6.54 -11.50 5.72
CA LEU A 97 -7.70 -10.87 6.35
C LEU A 97 -7.65 -9.33 6.32
N LEU A 98 -6.49 -8.77 5.99
CA LEU A 98 -6.34 -7.32 5.90
C LEU A 98 -7.12 -6.75 4.71
N ALA A 99 -7.57 -7.64 3.82
CA ALA A 99 -8.34 -7.26 2.64
C ALA A 99 -9.86 -7.18 2.88
N GLU A 100 -10.28 -7.31 4.15
CA GLU A 100 -11.69 -7.22 4.52
C GLU A 100 -12.17 -5.84 4.03
N PRO A 101 -13.16 -5.80 3.14
CA PRO A 101 -13.68 -4.52 2.60
C PRO A 101 -14.32 -3.55 3.58
N HIS A 102 -14.26 -2.27 3.23
CA HIS A 102 -14.80 -1.18 4.03
C HIS A 102 -14.37 -1.24 5.50
N ALA A 103 -13.09 -1.54 5.70
CA ALA A 103 -12.49 -1.62 7.01
C ALA A 103 -11.18 -0.87 6.90
N PHE A 104 -10.05 -1.57 6.92
CA PHE A 104 -8.74 -0.93 6.76
C PHE A 104 -8.60 -0.83 5.24
N GLU A 105 -9.00 -1.90 4.56
CA GLU A 105 -8.97 -1.92 3.10
C GLU A 105 -10.11 -0.98 2.70
N HIS A 106 -9.86 -0.17 1.67
CA HIS A 106 -10.84 0.81 1.21
C HIS A 106 -10.99 0.84 -0.32
N ASP A 107 -12.00 1.58 -0.78
CA ASP A 107 -12.25 1.70 -2.20
C ASP A 107 -11.24 2.67 -2.82
N HIS A 108 -11.30 2.81 -4.14
CA HIS A 108 -10.43 3.69 -4.92
C HIS A 108 -8.91 3.59 -4.63
N SER A 109 -8.40 2.36 -4.64
CA SER A 109 -6.98 2.10 -4.43
C SER A 109 -6.23 2.46 -5.72
N PHE A 110 -4.92 2.62 -5.61
CA PHE A 110 -4.09 2.95 -6.76
C PHE A 110 -3.79 1.77 -7.68
N SER A 111 -3.66 0.58 -7.11
CA SER A 111 -3.29 -0.61 -7.90
C SER A 111 -4.14 -1.85 -7.71
N ARG A 112 -5.28 -1.71 -7.04
CA ARG A 112 -6.18 -2.85 -6.79
C ARG A 112 -7.59 -2.47 -7.19
N LYS A 113 -8.36 -3.46 -7.62
CA LYS A 113 -9.74 -3.25 -7.99
C LYS A 113 -10.56 -3.20 -6.70
N ASP A 114 -11.77 -2.66 -6.78
CA ASP A 114 -12.65 -2.59 -5.62
C ASP A 114 -13.45 -3.89 -5.50
N TYR A 115 -13.84 -4.21 -4.27
CA TYR A 115 -14.60 -5.42 -3.95
C TYR A 115 -15.82 -5.66 -4.85
N LYS A 116 -16.52 -4.60 -5.24
CA LYS A 116 -17.67 -4.74 -6.13
C LYS A 116 -17.52 -3.92 -7.41
N GLN A 117 -16.31 -3.87 -7.94
CA GLN A 117 -16.05 -3.10 -9.16
C GLN A 117 -16.56 -3.84 -10.41
N GLY A 118 -17.43 -3.17 -11.15
CA GLY A 118 -17.98 -3.72 -12.39
C GLY A 118 -18.72 -5.03 -12.34
N VAL A 119 -19.24 -5.41 -11.17
CA VAL A 119 -19.99 -6.65 -11.05
C VAL A 119 -21.44 -6.46 -11.52
N ALA A 120 -21.99 -7.49 -12.15
CA ALA A 120 -23.35 -7.44 -12.66
C ALA A 120 -24.44 -7.65 -11.61
N ASN A 121 -24.12 -8.43 -10.58
CA ASN A 121 -25.07 -8.76 -9.52
C ASN A 121 -24.61 -8.17 -8.18
N SER A 122 -25.56 -7.64 -7.42
CA SER A 122 -25.25 -7.02 -6.13
C SER A 122 -24.57 -7.93 -5.11
N ASN A 123 -24.73 -9.23 -5.24
CA ASN A 123 -24.12 -10.16 -4.29
C ASN A 123 -22.75 -10.64 -4.71
N ASP A 124 -22.31 -10.25 -5.89
CA ASP A 124 -20.99 -10.64 -6.40
C ASP A 124 -19.88 -9.83 -5.76
N PHE A 125 -18.67 -10.35 -5.80
CA PHE A 125 -17.50 -9.64 -5.31
C PHE A 125 -16.28 -10.19 -6.05
N ILE A 126 -15.23 -9.39 -6.13
CA ILE A 126 -14.02 -9.79 -6.83
C ILE A 126 -12.79 -9.56 -5.98
N ASP A 127 -11.64 -9.90 -6.55
CA ASP A 127 -10.34 -9.76 -5.89
C ASP A 127 -9.97 -8.29 -5.72
N ASN A 128 -9.97 -7.84 -4.46
CA ASN A 128 -9.63 -6.47 -4.13
C ASN A 128 -8.30 -6.47 -3.36
N ARG A 129 -7.56 -7.57 -3.48
CA ARG A 129 -6.31 -7.73 -2.75
C ARG A 129 -5.03 -7.83 -3.58
N ASN A 130 -5.05 -8.59 -4.67
CA ASN A 130 -3.86 -8.75 -5.51
C ASN A 130 -3.63 -7.57 -6.44
N PHE A 131 -2.36 -7.31 -6.72
CA PHE A 131 -1.94 -6.23 -7.63
C PHE A 131 -2.67 -6.43 -8.97
N ASP A 132 -3.17 -5.34 -9.53
CA ASP A 132 -3.88 -5.41 -10.80
C ASP A 132 -3.23 -4.43 -11.76
N ALA A 133 -2.50 -4.95 -12.74
CA ALA A 133 -1.79 -4.12 -13.72
C ALA A 133 -2.66 -3.05 -14.39
N GLU A 134 -3.84 -3.44 -14.85
CA GLU A 134 -4.76 -2.51 -15.52
C GLU A 134 -5.13 -1.35 -14.61
N THR A 135 -5.43 -1.66 -13.34
CA THR A 135 -5.77 -0.61 -12.39
C THR A 135 -4.58 0.31 -12.20
N PHE A 136 -3.40 -0.25 -12.01
CA PHE A 136 -2.20 0.55 -11.79
C PHE A 136 -1.93 1.47 -13.00
N GLN A 137 -2.25 0.99 -14.19
CA GLN A 137 -2.07 1.79 -15.40
C GLN A 137 -2.92 3.06 -15.38
N THR A 138 -4.13 2.99 -14.82
CA THR A 138 -4.99 4.18 -14.75
C THR A 138 -4.37 5.24 -13.83
N SER A 139 -3.52 4.81 -12.90
CA SER A 139 -2.83 5.75 -12.02
C SER A 139 -1.64 6.34 -12.77
N LEU A 140 -0.86 5.46 -13.40
CA LEU A 140 0.33 5.87 -14.15
C LEU A 140 0.01 6.79 -15.33
N ASP A 141 -1.12 6.55 -15.99
CA ASP A 141 -1.52 7.37 -17.14
C ASP A 141 -1.62 8.86 -16.82
N VAL A 142 -1.91 9.20 -15.56
CA VAL A 142 -2.02 10.60 -15.15
C VAL A 142 -0.67 11.32 -15.19
N VAL A 143 0.42 10.57 -15.00
CA VAL A 143 1.75 11.15 -15.05
C VAL A 143 2.59 10.58 -16.19
N ALA A 144 1.93 10.26 -17.30
CA ALA A 144 2.61 9.71 -18.46
C ALA A 144 3.64 10.70 -19.01
N GLY A 145 4.78 10.18 -19.42
CA GLY A 145 5.82 11.04 -19.98
C GLY A 145 6.77 11.70 -18.98
N LYS A 146 6.53 11.51 -17.69
CA LYS A 146 7.37 12.08 -16.65
C LYS A 146 8.21 11.03 -15.94
N THR A 147 9.28 11.49 -15.29
CA THR A 147 10.16 10.59 -14.53
C THR A 147 9.92 10.79 -13.03
N HIS A 148 9.39 11.95 -12.65
CA HIS A 148 9.10 12.32 -11.25
C HIS A 148 7.76 13.05 -11.18
N PHE A 149 7.12 13.02 -10.01
CA PHE A 149 5.86 13.75 -9.82
C PHE A 149 5.77 14.31 -8.41
N ASP A 150 5.04 15.41 -8.25
CA ASP A 150 4.90 16.06 -6.94
C ASP A 150 3.54 15.89 -6.27
N TYR A 151 3.31 16.66 -5.21
CA TYR A 151 2.05 16.64 -4.46
C TYR A 151 0.82 16.90 -5.34
N ALA A 152 0.92 17.90 -6.22
CA ALA A 152 -0.18 18.24 -7.11
C ALA A 152 -0.54 17.08 -8.04
N ASP A 153 0.49 16.40 -8.56
CA ASP A 153 0.26 15.27 -9.45
C ASP A 153 -0.41 14.14 -8.67
N MET A 154 0.04 13.91 -7.43
CA MET A 154 -0.55 12.87 -6.60
C MET A 154 -2.03 13.16 -6.35
N ASN A 155 -2.36 14.41 -6.07
CA ASN A 155 -3.74 14.79 -5.82
C ASN A 155 -4.57 14.44 -7.07
N GLU A 156 -4.01 14.69 -8.25
CA GLU A 156 -4.70 14.37 -9.49
C GLU A 156 -4.94 12.86 -9.64
N ILE A 157 -3.91 12.06 -9.35
CA ILE A 157 -4.03 10.61 -9.46
C ILE A 157 -5.16 10.05 -8.57
N ARG A 158 -5.20 10.48 -7.30
CA ARG A 158 -6.23 9.97 -6.40
C ARG A 158 -7.62 10.41 -6.84
N LEU A 159 -7.73 11.61 -7.42
CA LEU A 159 -9.02 12.11 -7.90
C LEU A 159 -9.49 11.29 -9.11
N GLN A 160 -8.54 10.88 -9.95
CA GLN A 160 -8.87 10.06 -11.11
C GLN A 160 -9.35 8.69 -10.64
N ARG A 161 -8.68 8.14 -9.61
CA ARG A 161 -9.06 6.84 -9.07
C ARG A 161 -10.46 6.86 -8.42
N GLU A 162 -10.76 7.93 -7.69
CA GLU A 162 -12.08 8.07 -7.06
C GLU A 162 -13.17 8.19 -8.14
N SER A 163 -12.87 8.95 -9.18
CA SER A 163 -13.82 9.13 -10.29
C SER A 163 -14.16 7.78 -10.96
N LEU A 164 -13.13 7.02 -11.33
CA LEU A 164 -13.32 5.72 -11.96
C LEU A 164 -14.06 4.73 -11.04
N SER A 165 -13.67 4.67 -9.78
CA SER A 165 -14.30 3.76 -8.82
C SER A 165 -15.77 4.13 -8.59
N ASN A 166 -16.04 5.43 -8.53
CA ASN A 166 -17.40 5.92 -8.31
C ASN A 166 -18.30 5.52 -9.47
N GLU A 167 -17.76 5.51 -10.68
CA GLU A 167 -18.53 5.12 -11.85
C GLU A 167 -18.63 3.62 -12.07
N LEU A 168 -17.57 2.88 -11.78
CA LEU A 168 -17.56 1.43 -11.99
C LEU A 168 -18.14 0.53 -10.90
N ASP A 169 -18.09 0.96 -9.65
CA ASP A 169 -18.62 0.14 -8.56
C ASP A 169 -20.14 -0.01 -8.62
N PHE A 170 -20.61 -1.17 -8.20
CA PHE A 170 -22.04 -1.45 -8.18
C PHE A 170 -22.70 -0.32 -7.41
N PRO A 171 -23.84 0.20 -7.91
CA PRO A 171 -24.55 1.30 -7.25
C PRO A 171 -24.79 1.08 -5.75
N GLY A 172 -24.32 2.02 -4.94
CA GLY A 172 -24.49 1.92 -3.51
C GLY A 172 -23.28 1.41 -2.76
N TRP A 173 -22.31 0.86 -3.48
CA TRP A 173 -21.10 0.35 -2.82
C TRP A 173 -20.03 1.38 -2.51
N PHE A 174 -19.64 2.18 -3.49
CA PHE A 174 -18.57 3.16 -3.30
C PHE A 174 -18.67 4.00 -2.03
N THR A 175 -17.59 3.96 -1.24
CA THR A 175 -17.49 4.69 0.01
C THR A 175 -16.12 5.36 -0.01
N GLU A 176 -16.09 6.68 -0.02
CA GLU A 176 -14.82 7.41 -0.06
C GLU A 176 -14.05 7.25 1.23
N SER A 177 -12.72 7.18 1.13
CA SER A 177 -11.88 7.03 2.29
C SER A 177 -10.62 7.87 2.17
N LYS A 178 -10.79 9.19 2.18
CA LYS A 178 -9.67 10.14 2.06
C LYS A 178 -8.62 10.04 3.17
N PRO A 179 -9.06 9.94 4.44
CA PRO A 179 -8.08 9.84 5.52
C PRO A 179 -7.10 8.68 5.42
N ILE A 180 -7.59 7.48 5.14
CA ILE A 180 -6.70 6.31 5.04
C ILE A 180 -5.86 6.32 3.76
N GLN A 181 -6.49 6.58 2.62
CA GLN A 181 -5.72 6.61 1.37
C GLN A 181 -4.60 7.63 1.39
N ASN A 182 -4.84 8.80 1.94
CA ASN A 182 -3.79 9.80 1.95
C ASN A 182 -2.67 9.62 2.93
N VAL A 183 -2.86 8.70 3.87
CA VAL A 183 -1.78 8.34 4.78
C VAL A 183 -0.91 7.49 3.86
N GLU A 184 -1.55 6.67 3.04
CA GLU A 184 -0.83 5.82 2.09
C GLU A 184 -0.12 6.65 1.01
N SER A 185 -0.68 7.80 0.66
CA SER A 185 -0.03 8.70 -0.30
C SER A 185 1.27 9.15 0.39
N GLY A 186 1.16 9.43 1.68
CA GLY A 186 2.32 9.84 2.46
C GLY A 186 3.34 8.71 2.50
N PHE A 187 2.87 7.47 2.60
CA PHE A 187 3.75 6.29 2.61
C PHE A 187 4.59 6.23 1.33
N ILE A 188 3.96 6.53 0.19
CA ILE A 188 4.64 6.53 -1.10
C ILE A 188 5.76 7.57 -1.13
N PHE A 189 5.46 8.80 -0.71
CA PHE A 189 6.47 9.84 -0.70
C PHE A 189 7.60 9.51 0.26
N ALA A 190 7.28 8.83 1.36
CA ALA A 190 8.28 8.47 2.34
C ALA A 190 9.26 7.40 1.86
N LEU A 191 8.76 6.43 1.09
CA LEU A 191 9.60 5.34 0.60
C LEU A 191 10.33 5.56 -0.73
N VAL A 192 9.61 6.07 -1.73
CA VAL A 192 10.22 6.25 -3.04
C VAL A 192 10.39 7.66 -3.58
N SER A 193 10.56 8.64 -2.71
CA SER A 193 10.80 10.01 -3.17
C SER A 193 12.31 10.07 -3.45
N ASP A 194 12.70 10.92 -4.40
CA ASP A 194 14.09 11.02 -4.78
C ASP A 194 14.97 11.74 -3.77
N PHE A 195 15.63 10.95 -2.93
CA PHE A 195 16.53 11.49 -1.92
C PHE A 195 17.83 12.04 -2.49
N ASN A 196 18.02 11.91 -3.80
CA ASN A 196 19.22 12.43 -4.44
C ASN A 196 19.08 13.93 -4.70
N LEU A 197 17.85 14.43 -4.64
CA LEU A 197 17.58 15.84 -4.86
C LEU A 197 17.85 16.58 -3.55
N PRO A 198 18.54 17.72 -3.62
CA PRO A 198 18.91 18.55 -2.46
C PRO A 198 17.80 19.02 -1.52
N ASP A 199 16.57 19.16 -2.03
CA ASP A 199 15.45 19.61 -1.22
C ASP A 199 14.41 18.52 -1.01
N ASN A 200 14.88 17.26 -0.97
CA ASN A 200 14.01 16.11 -0.81
C ASN A 200 13.06 16.22 0.39
N ASP A 201 13.52 16.81 1.49
CA ASP A 201 12.69 16.93 2.67
C ASP A 201 11.59 18.00 2.58
N GLU A 202 11.85 19.09 1.86
CA GLU A 202 10.86 20.15 1.73
C GLU A 202 9.86 19.92 0.60
N ASN A 203 10.35 19.44 -0.53
CA ASN A 203 9.49 19.21 -1.68
C ASN A 203 9.87 17.90 -2.35
N PRO A 204 9.49 16.77 -1.73
CA PRO A 204 9.80 15.45 -2.26
C PRO A 204 9.13 15.13 -3.59
N LEU A 205 9.90 14.53 -4.49
CA LEU A 205 9.39 14.14 -5.79
C LEU A 205 9.54 12.63 -5.91
N VAL A 206 8.44 11.95 -6.22
CA VAL A 206 8.47 10.50 -6.37
C VAL A 206 9.10 10.10 -7.71
N ARG A 207 9.99 9.11 -7.67
CA ARG A 207 10.61 8.61 -8.89
C ARG A 207 9.67 7.53 -9.39
N ILE A 208 9.13 7.75 -10.58
CA ILE A 208 8.18 6.81 -11.16
C ILE A 208 8.71 5.39 -11.36
N ASP A 209 9.95 5.24 -11.81
CA ASP A 209 10.48 3.89 -12.02
C ASP A 209 10.60 3.09 -10.72
N TRP A 210 10.95 3.78 -9.63
CA TRP A 210 11.07 3.15 -8.31
C TRP A 210 9.68 2.69 -7.88
N TRP A 211 8.69 3.57 -8.00
CA TRP A 211 7.31 3.27 -7.64
C TRP A 211 6.78 2.05 -8.40
N LYS A 212 7.00 2.03 -9.71
CA LYS A 212 6.56 0.92 -10.56
C LYS A 212 7.21 -0.41 -10.19
N TYR A 213 8.51 -0.38 -9.91
CA TYR A 213 9.23 -1.60 -9.56
C TYR A 213 8.66 -2.20 -8.27
N TRP A 214 8.56 -1.38 -7.22
CA TRP A 214 8.03 -1.77 -5.92
C TRP A 214 6.64 -2.40 -6.03
N PHE A 215 5.71 -1.69 -6.67
CA PHE A 215 4.33 -2.17 -6.84
C PHE A 215 4.17 -3.41 -7.71
N THR A 216 4.78 -3.38 -8.90
CA THR A 216 4.66 -4.49 -9.83
C THR A 216 5.40 -5.75 -9.38
N ASN A 217 6.62 -5.58 -8.90
CA ASN A 217 7.45 -6.70 -8.49
C ASN A 217 7.33 -7.18 -7.04
N GLU A 218 6.87 -6.29 -6.17
CA GLU A 218 6.73 -6.54 -4.73
C GLU A 218 8.06 -7.00 -4.16
N SER A 219 9.08 -6.21 -4.50
CA SER A 219 10.46 -6.39 -4.07
C SER A 219 11.08 -5.00 -4.19
N PHE A 220 12.31 -4.83 -3.70
CA PHE A 220 12.94 -3.51 -3.70
C PHE A 220 13.76 -3.15 -4.94
N PRO A 221 13.66 -1.88 -5.40
CA PRO A 221 14.36 -1.35 -6.59
C PRO A 221 15.85 -1.04 -6.44
N TYR A 222 16.59 -1.92 -5.78
CA TYR A 222 18.03 -1.70 -5.60
C TYR A 222 18.74 -1.56 -6.93
N HIS A 223 18.28 -2.28 -7.96
CA HIS A 223 18.89 -2.21 -9.28
C HIS A 223 18.77 -0.81 -9.88
N LEU A 224 17.77 -0.05 -9.45
CA LEU A 224 17.53 1.30 -9.95
C LEU A 224 18.19 2.39 -9.11
N GLY A 225 19.06 1.99 -8.18
CA GLY A 225 19.74 2.97 -7.35
C GLY A 225 19.03 3.34 -6.06
N TRP A 226 17.95 2.64 -5.75
CA TRP A 226 17.19 2.91 -4.53
C TRP A 226 17.90 2.26 -3.35
N HIS A 227 17.60 2.75 -2.16
CA HIS A 227 18.12 2.22 -0.90
C HIS A 227 17.18 2.73 0.17
N PRO A 228 17.08 2.01 1.30
CA PRO A 228 16.18 2.47 2.37
C PRO A 228 16.53 3.89 2.83
N PRO A 229 15.51 4.70 3.14
CA PRO A 229 15.75 6.07 3.62
C PRO A 229 16.63 6.05 4.85
N SER A 230 17.54 7.02 4.95
CA SER A 230 18.44 7.11 6.09
C SER A 230 18.71 8.58 6.39
N PRO A 231 18.36 9.06 7.60
CA PRO A 231 17.74 8.30 8.70
C PRO A 231 16.33 7.82 8.36
N ALA A 232 15.82 6.89 9.16
CA ALA A 232 14.50 6.33 8.95
C ALA A 232 13.42 7.41 8.97
N ARG A 233 12.39 7.23 8.14
CA ARG A 233 11.29 8.18 8.06
C ARG A 233 10.43 8.13 9.31
N GLU A 234 9.94 9.29 9.73
CA GLU A 234 9.08 9.40 10.91
C GLU A 234 7.67 9.81 10.49
N ILE A 235 6.70 9.57 11.37
CA ILE A 235 5.30 9.90 11.10
C ILE A 235 5.06 11.35 10.67
N GLU A 236 5.85 12.27 11.18
CA GLU A 236 5.72 13.68 10.86
C GLU A 236 5.77 13.93 9.34
N PHE A 237 6.71 13.28 8.68
CA PHE A 237 6.88 13.41 7.22
C PHE A 237 5.62 12.90 6.51
N VAL A 238 5.13 11.74 6.94
CA VAL A 238 3.95 11.11 6.35
C VAL A 238 2.66 11.95 6.39
N THR A 239 2.25 12.41 7.58
CA THR A 239 1.02 13.19 7.66
C THR A 239 1.15 14.56 7.00
N SER A 240 2.34 15.13 7.04
CA SER A 240 2.59 16.43 6.41
C SER A 240 2.38 16.26 4.91
N ALA A 241 2.96 15.19 4.36
CA ALA A 241 2.83 14.88 2.94
C ALA A 241 1.36 14.64 2.61
N SER A 242 0.67 13.94 3.51
CA SER A 242 -0.75 13.62 3.36
C SER A 242 -1.58 14.91 3.23
N SER A 243 -1.31 15.84 4.13
CA SER A 243 -2.01 17.11 4.14
C SER A 243 -1.68 17.94 2.89
N ALA A 244 -0.41 17.95 2.49
CA ALA A 244 0.03 18.70 1.32
C ALA A 244 -0.61 18.21 0.01
N VAL A 245 -0.84 16.91 -0.08
CA VAL A 245 -1.47 16.33 -1.27
C VAL A 245 -2.88 16.89 -1.41
N LEU A 246 -3.67 16.77 -0.34
CA LEU A 246 -5.05 17.25 -0.35
C LEU A 246 -5.20 18.76 -0.50
N ALA A 247 -4.14 19.47 -0.17
CA ALA A 247 -4.13 20.93 -0.26
C ALA A 247 -3.70 21.46 -1.64
N ALA A 248 -3.14 20.60 -2.48
CA ALA A 248 -2.68 21.01 -3.80
C ALA A 248 -3.79 21.48 -4.72
N SER A 249 -3.50 22.50 -5.53
CA SER A 249 -4.47 23.05 -6.48
C SER A 249 -4.73 22.06 -7.61
N VAL A 250 -6.00 21.82 -7.90
CA VAL A 250 -6.40 20.91 -8.96
C VAL A 250 -6.52 21.66 -10.28
N THR A 251 -5.78 21.23 -11.28
CA THR A 251 -5.84 21.88 -12.59
C THR A 251 -6.68 21.11 -13.62
N SER A 252 -7.12 19.91 -13.26
CA SER A 252 -7.94 19.10 -14.15
C SER A 252 -8.89 18.29 -13.30
N THR A 253 -10.16 18.67 -13.32
CA THR A 253 -11.17 18.00 -12.51
C THR A 253 -11.90 16.91 -13.28
N PRO A 254 -11.78 15.65 -12.84
CA PRO A 254 -12.46 14.54 -13.51
C PRO A 254 -13.96 14.57 -13.19
N SER A 255 -14.79 14.10 -14.12
CA SER A 255 -16.24 14.11 -13.88
C SER A 255 -16.66 12.94 -13.00
N SER A 256 -17.91 12.99 -12.52
CA SER A 256 -18.46 11.94 -11.67
C SER A 256 -17.65 11.74 -10.38
N LEU A 257 -17.15 12.86 -9.85
CA LEU A 257 -16.36 12.86 -8.64
C LEU A 257 -17.32 12.83 -7.44
N PRO A 258 -16.99 12.07 -6.37
CA PRO A 258 -17.90 12.05 -5.22
C PRO A 258 -17.91 13.41 -4.52
N SER A 259 -19.03 13.76 -3.92
CA SER A 259 -19.16 15.04 -3.24
C SER A 259 -18.12 15.18 -2.14
N GLY A 260 -17.45 16.32 -2.10
CA GLY A 260 -16.43 16.55 -1.09
C GLY A 260 -15.06 15.96 -1.38
N ALA A 261 -14.85 15.45 -2.61
CA ALA A 261 -13.57 14.87 -2.99
C ALA A 261 -12.46 15.92 -2.94
N ILE A 262 -12.72 17.09 -3.51
CA ILE A 262 -11.72 18.15 -3.50
C ILE A 262 -11.80 18.89 -2.17
N GLY A 263 -10.69 18.85 -1.42
CA GLY A 263 -10.64 19.52 -0.14
C GLY A 263 -9.85 18.73 0.87
N PRO A 264 -9.59 19.33 2.05
CA PRO A 264 -8.83 18.68 3.13
C PRO A 264 -9.58 17.47 3.69
N GLY A 265 -8.84 16.48 4.18
CA GLY A 265 -9.46 15.29 4.72
C GLY A 265 -9.26 15.24 6.23
N ALA A 266 -10.05 14.43 6.90
CA ALA A 266 -9.95 14.29 8.34
C ALA A 266 -8.71 13.49 8.71
N GLU A 267 -8.30 13.59 9.98
CA GLU A 267 -7.15 12.84 10.46
C GLU A 267 -7.58 11.38 10.59
N ALA A 268 -6.69 10.47 10.24
CA ALA A 268 -7.00 9.05 10.32
C ALA A 268 -7.01 8.62 11.79
N VAL A 269 -8.01 7.83 12.18
CA VAL A 269 -8.13 7.37 13.56
C VAL A 269 -8.34 5.87 13.63
N PRO A 270 -8.27 5.29 14.85
CA PRO A 270 -8.46 3.84 14.99
C PRO A 270 -9.87 3.41 14.54
N LEU A 271 -9.95 2.24 13.95
CA LEU A 271 -11.22 1.68 13.48
C LEU A 271 -11.95 1.05 14.66
N SER A 272 -13.25 0.84 14.49
CA SER A 272 -14.08 0.23 15.51
C SER A 272 -15.24 -0.49 14.84
N PHE A 273 -15.47 -1.74 15.23
CA PHE A 273 -16.57 -2.52 14.66
C PHE A 273 -17.40 -3.13 15.79
N ALA A 274 -18.71 -3.19 15.59
CA ALA A 274 -19.62 -3.77 16.57
C ALA A 274 -19.52 -5.28 16.55
N SER A 275 -19.52 -5.89 17.73
CA SER A 275 -19.42 -7.34 17.87
C SER A 275 -20.50 -8.12 17.15
N THR A 276 -21.63 -7.47 16.86
CA THR A 276 -22.72 -8.14 16.17
C THR A 276 -22.58 -8.10 14.66
N MET A 277 -21.64 -7.31 14.16
CA MET A 277 -21.44 -7.18 12.72
C MET A 277 -20.71 -8.37 12.10
N THR A 278 -21.31 -8.95 11.08
CA THR A 278 -20.70 -10.08 10.38
C THR A 278 -19.79 -9.52 9.30
N PRO A 279 -18.57 -10.06 9.15
CA PRO A 279 -17.64 -9.56 8.13
C PRO A 279 -17.98 -10.07 6.72
N PHE A 280 -17.64 -9.28 5.72
CA PHE A 280 -17.84 -9.67 4.33
C PHE A 280 -16.83 -10.78 4.06
N LEU A 281 -17.14 -11.67 3.13
CA LEU A 281 -16.24 -12.76 2.79
C LEU A 281 -14.99 -12.25 2.06
N LEU A 282 -13.85 -12.86 2.36
CA LEU A 282 -12.57 -12.53 1.74
C LEU A 282 -12.46 -13.22 0.39
N ALA A 283 -11.81 -12.56 -0.58
CA ALA A 283 -11.60 -13.18 -1.88
C ALA A 283 -10.52 -14.25 -1.65
N THR A 284 -10.70 -15.42 -2.24
CA THR A 284 -9.78 -16.55 -2.05
C THR A 284 -8.68 -16.74 -3.09
N ASN A 285 -8.51 -15.78 -3.99
CA ASN A 285 -7.51 -15.88 -5.05
C ASN A 285 -6.10 -16.14 -4.54
N ALA A 286 -5.37 -17.03 -5.20
CA ALA A 286 -3.99 -17.34 -4.82
C ALA A 286 -3.18 -16.04 -4.91
N PRO A 287 -2.07 -15.95 -4.18
CA PRO A 287 -1.26 -14.73 -4.22
C PRO A 287 -0.54 -14.45 -5.55
N TYR A 288 -0.52 -13.17 -5.92
CA TYR A 288 0.13 -12.69 -7.14
C TYR A 288 1.65 -12.64 -7.00
N TYR A 289 2.34 -12.86 -8.11
CA TYR A 289 3.80 -12.75 -8.16
C TYR A 289 4.17 -12.39 -9.59
N ALA A 290 5.20 -11.56 -9.75
CA ALA A 290 5.64 -11.11 -11.06
C ALA A 290 6.07 -12.25 -11.96
N GLN A 291 5.59 -12.23 -13.21
CA GLN A 291 5.90 -13.29 -14.17
C GLN A 291 6.41 -12.79 -15.51
N ASP A 292 6.55 -11.48 -15.68
CA ASP A 292 7.03 -10.94 -16.95
C ASP A 292 8.10 -9.89 -16.73
N PRO A 293 9.32 -10.32 -16.37
CA PRO A 293 9.74 -11.71 -16.16
C PRO A 293 9.56 -12.14 -14.71
N THR A 294 9.91 -13.39 -14.42
CA THR A 294 9.84 -13.89 -13.06
C THR A 294 11.09 -13.31 -12.39
N LEU A 295 11.06 -13.17 -11.07
CA LEU A 295 12.20 -12.57 -10.38
C LEU A 295 13.19 -13.57 -9.83
N GLY A 296 14.44 -13.14 -9.78
CA GLY A 296 15.53 -13.96 -9.25
C GLY A 296 15.76 -13.58 -7.80
N PRO A 297 16.60 -14.34 -7.08
CA PRO A 297 16.89 -14.06 -5.67
C PRO A 297 17.43 -12.68 -5.35
N ASN A 298 18.03 -12.02 -6.33
CA ASN A 298 18.61 -10.69 -6.11
C ASN A 298 17.78 -9.54 -6.68
N ASP A 299 16.56 -9.83 -7.11
CA ASP A 299 15.70 -8.80 -7.68
C ASP A 299 14.64 -8.32 -6.67
C1 NAG B . -6.79 -15.94 6.63
C2 NAG B . -7.17 -17.13 5.73
C3 NAG B . -8.66 -17.04 5.42
C4 NAG B . -9.49 -16.88 6.68
C5 NAG B . -9.00 -15.69 7.51
C6 NAG B . -9.77 -15.47 8.81
C7 NAG B . -5.20 -17.60 4.29
C8 NAG B . -4.65 -17.63 2.88
N2 NAG B . -6.46 -17.20 4.45
O3 NAG B . -9.05 -18.20 4.75
O4 NAG B . -10.82 -16.64 6.24
O5 NAG B . -7.62 -15.91 7.79
O6 NAG B . -9.76 -16.65 9.58
O7 NAG B . -4.47 -17.92 5.22
C1 NAG B . -11.86 -17.43 6.78
C2 NAG B . -13.23 -17.01 6.21
C3 NAG B . -14.36 -17.94 6.64
C4 NAG B . -13.96 -19.42 6.42
C5 NAG B . -12.53 -19.73 6.92
C6 NAG B . -12.00 -21.10 6.51
C7 NAG B . -13.91 -14.68 5.84
C8 NAG B . -14.38 -13.41 6.50
N2 NAG B . -13.66 -15.70 6.66
O3 NAG B . -15.54 -17.64 5.89
O4 NAG B . -14.85 -20.25 7.19
O5 NAG B . -11.60 -18.78 6.42
O6 NAG B . -10.82 -21.33 7.27
O7 NAG B . -13.74 -14.75 4.62
C1 BMA B . -15.99 -20.88 6.63
C2 BMA B . -16.44 -21.98 7.61
C3 BMA B . -17.72 -22.62 7.08
C4 BMA B . -18.80 -21.54 6.81
C5 BMA B . -18.26 -20.45 5.85
C6 BMA B . -19.27 -19.30 5.61
O2 BMA B . -16.65 -21.40 8.89
O3 BMA B . -18.24 -23.55 8.03
O4 BMA B . -19.94 -22.14 6.24
O5 BMA B . -17.05 -19.92 6.44
O6 BMA B . -19.63 -18.74 6.85
C1 XYS B . -20.57 -17.69 7.00
C2 XYS B . -20.86 -17.48 8.52
C3 XYS B . -21.80 -18.56 9.08
C4 XYS B . -23.09 -18.67 8.23
C5 XYS B . -22.71 -18.96 6.77
O2 XYS B . -21.42 -16.21 8.83
O3 XYS B . -22.14 -18.19 10.42
O4 XYS B . -23.90 -19.72 8.76
O5 XYS B . -21.79 -17.96 6.25
C1 MAN B . -22.41 -19.21 11.37
C2 MAN B . -22.45 -18.52 12.75
C3 MAN B . -21.04 -18.04 13.14
C4 MAN B . -20.04 -19.22 13.05
C5 MAN B . -20.04 -19.87 11.61
C6 MAN B . -19.13 -21.11 11.42
O2 MAN B . -22.93 -19.39 13.76
O3 MAN B . -21.05 -17.51 14.47
O4 MAN B . -18.78 -18.66 13.34
O5 MAN B . -21.40 -20.27 11.30
O6 MAN B . -19.36 -21.77 10.17
C1 XYS B . -17.77 -24.90 7.98
C2 XYS B . -18.78 -25.79 8.73
C3 XYS B . -18.79 -25.56 10.26
C4 XYS B . -17.33 -25.34 10.80
C5 XYS B . -16.25 -25.72 9.76
O2 XYS B . -18.48 -27.15 8.45
O3 XYS B . -19.39 -26.67 10.90
O4 XYS B . -17.18 -23.96 11.10
O5 XYS B . -16.42 -24.98 8.53
C1 NAG C . 10.68 -6.13 -12.19
C2 NAG C . 10.79 -4.87 -13.04
C3 NAG C . 11.59 -5.22 -14.35
C4 NAG C . 12.95 -5.89 -14.00
C5 NAG C . 12.72 -7.14 -13.10
C6 NAG C . 13.97 -7.87 -12.60
C7 NAG C . 9.12 -3.07 -13.25
C8 NAG C . 7.70 -2.70 -13.68
N2 NAG C . 9.48 -4.35 -13.39
O3 NAG C . 11.82 -4.03 -15.10
O4 NAG C . 13.62 -6.26 -15.18
O5 NAG C . 11.99 -6.71 -11.95
O6 NAG C . 14.81 -6.97 -11.89
O7 NAG C . 9.88 -2.21 -12.79
C1 NAG C . 14.99 -5.93 -15.30
C2 NAG C . 15.51 -6.25 -16.70
C3 NAG C . 16.95 -5.78 -16.87
C4 NAG C . 17.03 -4.26 -16.58
C5 NAG C . 16.53 -4.04 -15.14
C6 NAG C . 16.55 -2.61 -14.66
C7 NAG C . 14.49 -8.27 -17.59
C8 NAG C . 14.60 -9.78 -17.75
N2 NAG C . 15.48 -7.68 -16.94
O3 NAG C . 17.45 -6.07 -18.15
O4 NAG C . 18.35 -3.78 -16.77
O5 NAG C . 15.17 -4.53 -15.03
O6 NAG C . 16.02 -2.64 -13.35
O7 NAG C . 13.52 -7.65 -18.04
C1 MAN D . -24.85 -5.63 15.32
C2 MAN D . -24.54 -4.14 15.02
C3 MAN D . -24.87 -3.35 16.30
C4 MAN D . -26.32 -3.54 16.67
C5 MAN D . -26.62 -5.05 16.89
C6 MAN D . -28.10 -5.37 17.17
O2 MAN D . -25.34 -3.71 13.87
O3 MAN D . -24.65 -1.96 16.25
O4 MAN D . -26.52 -2.77 17.86
O5 MAN D . -26.22 -5.79 15.70
O6 MAN D . -28.29 -6.76 16.96
C1 ARB D . -24.88 -3.87 12.51
C2 ARB D . -25.84 -3.25 11.46
C3 ARB D . -27.13 -4.04 11.29
C4 ARB D . -26.80 -5.50 10.95
C5 ARB D . -25.80 -6.10 11.95
O2 ARB D . -26.27 -1.91 11.70
O3 ARB D . -27.80 -3.40 10.20
O4 ARB D . -26.30 -5.52 9.62
O5 ARB D . -24.64 -5.25 12.17
C1 NAG E . 26.95 -1.67 7.14
C2 NAG E . 26.44 -0.64 8.13
C3 NAG E . 27.25 0.63 8.03
C4 NAG E . 28.72 0.31 8.35
C5 NAG E . 29.22 -0.74 7.33
C6 NAG E . 30.65 -1.18 7.66
C7 NAG E . 24.09 -0.74 8.74
C8 NAG E . 22.69 -0.23 8.48
N2 NAG E . 25.06 -0.24 7.97
O3 NAG E . 26.74 1.61 8.90
O4 NAG E . 29.45 1.52 8.30
O5 NAG E . 28.35 -1.90 7.35
O6 NAG E . 30.91 -2.46 7.15
O7 NAG E . 24.31 -1.58 9.62
C1 MAN F . 1.16 15.35 10.30
C2 MAN F . 2.34 15.87 11.11
C3 MAN F . 2.45 15.17 12.46
C4 MAN F . 1.11 15.16 13.19
C5 MAN F . 0.05 14.54 12.30
C6 MAN F . -1.33 14.45 12.94
O2 MAN F . 2.19 17.25 11.36
O3 MAN F . 3.38 15.84 13.28
O4 MAN F . 1.29 14.40 14.36
O5 MAN F . -0.04 15.36 11.08
O6 MAN F . -2.28 13.99 11.99
C1 MAN G . 5.53 18.73 6.24
C2 MAN G . 5.52 20.05 5.45
C3 MAN G . 5.71 19.84 3.93
C4 MAN G . 6.88 18.88 3.66
C5 MAN G . 6.65 17.57 4.43
C6 MAN G . 7.73 16.51 4.21
O2 MAN G . 6.50 20.95 5.87
O3 MAN G . 6.00 21.09 3.31
O4 MAN G . 6.93 18.66 2.27
O5 MAN G . 6.59 17.87 5.84
O6 MAN G . 8.91 16.84 4.96
C1 MAN H . -3.19 12.15 5.81
C2 MAN H . -4.70 11.99 5.65
C3 MAN H . -5.36 13.36 5.58
C4 MAN H . -5.03 14.17 6.84
C5 MAN H . -3.51 14.30 7.00
C6 MAN H . -3.15 14.97 8.36
O2 MAN H . -5.19 11.28 6.78
O3 MAN H . -6.76 13.22 5.47
O4 MAN H . -5.65 15.44 6.70
O5 MAN H . -2.90 12.98 6.95
O6 MAN H . -3.41 14.09 9.47
C1 MAN I . -1.84 20.14 6.31
C2 MAN I . -2.47 21.48 5.88
C3 MAN I . -1.89 21.92 4.55
C4 MAN I . -0.39 22.06 4.63
C5 MAN I . 0.26 20.72 5.12
C6 MAN I . 1.73 20.95 5.57
O2 MAN I . -2.14 22.48 6.84
O3 MAN I . -2.40 23.17 4.13
O4 MAN I . 0.11 22.43 3.34
O5 MAN I . -0.40 20.19 6.28
O6 MAN I . 2.40 21.92 4.78
C1 XYS J . -5.13 26.41 -7.97
C2 XYS J . -6.49 26.76 -8.65
C3 XYS J . -6.58 26.36 -10.14
C4 XYS J . -5.36 26.90 -10.93
C5 XYS J . -4.05 26.49 -10.19
O2 XYS J . -6.77 28.15 -8.60
O3 XYS J . -7.77 26.91 -10.72
O4 XYS J . -5.44 26.36 -12.23
O5 XYS J . -4.06 26.92 -8.78
C1 MAN K . -2.58 20.87 -14.12
C2 MAN K . -2.85 19.75 -15.14
C3 MAN K . -2.88 18.38 -14.47
C4 MAN K . -1.58 18.15 -13.65
C5 MAN K . -1.42 19.30 -12.61
C6 MAN K . -0.09 19.20 -11.81
O2 MAN K . -1.84 19.73 -16.12
O3 MAN K . -2.98 17.40 -15.47
O4 MAN K . -1.65 16.90 -13.03
O5 MAN K . -1.42 20.58 -13.32
O6 MAN K . 0.25 20.47 -11.24
C1 MAN L . -7.48 16.37 -16.70
C2 MAN L . -8.70 15.75 -17.38
C3 MAN L . -9.54 14.90 -16.42
C4 MAN L . -8.66 13.83 -15.77
C5 MAN L . -7.46 14.52 -15.05
C6 MAN L . -6.48 13.51 -14.43
O2 MAN L . -8.24 14.86 -18.38
O3 MAN L . -10.58 14.27 -17.16
O4 MAN L . -9.43 13.05 -14.89
O5 MAN L . -6.73 15.32 -16.03
O6 MAN L . -5.66 13.01 -15.47
C1 MAN M . -11.89 21.49 -11.72
C2 MAN M . -10.71 22.40 -11.31
C3 MAN M . -10.64 22.57 -9.80
C4 MAN M . -11.99 22.89 -9.18
C5 MAN M . -13.03 21.86 -9.58
C6 MAN M . -14.41 22.20 -8.98
O2 MAN M . -10.74 23.68 -11.91
O3 MAN M . -9.79 23.64 -9.45
O4 MAN M . -11.79 22.88 -7.79
O5 MAN M . -13.12 21.84 -11.02
O6 MAN M . -15.43 21.45 -9.63
C1 MAN N . -11.88 -19.14 -3.84
C2 MAN N . -10.85 -20.27 -4.04
C3 MAN N . -9.77 -19.92 -5.12
C4 MAN N . -10.43 -19.51 -6.44
C5 MAN N . -11.36 -18.30 -6.11
C6 MAN N . -12.07 -17.68 -7.34
O2 MAN N . -11.57 -21.40 -4.49
O3 MAN N . -8.89 -21.01 -5.39
O4 MAN N . -9.39 -19.25 -7.37
O5 MAN N . -12.36 -18.75 -5.15
O6 MAN N . -13.31 -17.08 -6.97
C1 MAN O . 11.58 -17.13 -13.06
C2 MAN O . 13.00 -16.76 -12.60
C3 MAN O . 13.83 -16.29 -13.77
C4 MAN O . 13.75 -17.28 -14.97
C5 MAN O . 12.29 -17.73 -15.28
C6 MAN O . 12.24 -18.93 -16.23
O2 MAN O . 13.68 -17.85 -12.00
O3 MAN O . 15.18 -16.23 -13.30
O4 MAN O . 14.27 -16.59 -16.09
O5 MAN O . 11.61 -18.13 -14.06
O6 MAN O . 12.27 -20.12 -15.46
MN MN P . -8.67 -1.21 -1.87
CHA HEM Q . -2.26 -0.29 1.32
CHB HEM Q . -2.06 -2.28 5.73
CHC HEM Q . 2.35 -0.44 6.34
CHD HEM Q . 2.28 1.34 1.81
C1A HEM Q . -2.58 -1.04 2.45
C2A HEM Q . -3.85 -1.69 2.70
C3A HEM Q . -3.80 -2.20 3.94
C4A HEM Q . -2.49 -1.94 4.46
CMA HEM Q . -4.91 -2.91 4.69
CAA HEM Q . -4.97 -1.77 1.71
CBA HEM Q . -5.67 -0.41 1.60
CGA HEM Q . -6.28 -0.21 0.24
O1A HEM Q . -5.58 0.35 -0.64
O2A HEM Q . -7.45 -0.58 0.05
C1B HEM Q . -0.81 -2.04 6.27
C2B HEM Q . -0.39 -2.43 7.60
C3B HEM Q . 0.84 -1.90 7.79
C4B HEM Q . 1.19 -1.20 6.56
CMB HEM Q . -1.20 -3.29 8.58
CAB HEM Q . 1.44 -2.15 9.03
CBB HEM Q . 2.74 -1.90 9.41
C1C HEM Q . 2.73 0.17 5.13
C2C HEM Q . 3.92 0.96 4.97
C3C HEM Q . 4.00 1.28 3.65
C4C HEM Q . 2.74 0.91 3.05
CMC HEM Q . 4.81 1.40 6.12
CAC HEM Q . 5.00 1.86 2.86
CBC HEM Q . 6.12 2.67 3.28
C1D HEM Q . 1.03 1.06 1.25
C2D HEM Q . 0.51 1.64 0.04
C3D HEM Q . -0.76 1.17 -0.10
C4D HEM Q . -1.04 0.33 1.05
CMD HEM Q . 1.23 2.61 -0.87
CAD HEM Q . -1.74 1.52 -1.21
CBD HEM Q . -1.92 0.48 -2.31
CGD HEM Q . -2.94 0.89 -3.36
O1D HEM Q . -2.98 0.26 -4.44
O2D HEM Q . -3.72 1.84 -3.12
NA HEM Q . -1.72 -1.32 3.49
NB HEM Q . 0.23 -1.43 5.61
NC HEM Q . 2.04 0.13 3.94
ND HEM Q . 0.08 0.25 1.84
FE HEM Q . 0.23 -0.71 3.68
#